data_3FLH
#
_entry.id   3FLH
#
_cell.length_a   57.892
_cell.length_b   47.429
_cell.length_c   62.769
_cell.angle_alpha   90.00
_cell.angle_beta   113.55
_cell.angle_gamma   90.00
#
_symmetry.space_group_name_H-M   'P 1 21 1'
#
loop_
_entity.id
_entity.type
_entity.pdbx_description
1 polymer 'uncharacterized protein lp_1913'
2 non-polymer 'BROMIDE ION'
3 water water
#
_entity_poly.entity_id   1
_entity_poly.type   'polypeptide(L)'
_entity_poly.pdbx_seq_one_letter_code
;(MSE)NDKKIELLTTYLSLYIDHHTVLAD(MSE)QNATGKYVVLDVRNAPAQVKKDQIKGAIA(MSE)PAKDLATRIGEL
DPAKTYVVYDWTGGTTLGKTALLVLLSAGFEAYELAGALEGWKG(MSE)QLPLEHHHHHH
;
_entity_poly.pdbx_strand_id   A,B,C
#
loop_
_chem_comp.id
_chem_comp.type
_chem_comp.name
_chem_comp.formula
BR non-polymer 'BROMIDE ION' 'Br -1'
#
# COMPACT_ATOMS: atom_id res chain seq x y z
N MSE A 1 15.40 2.71 -19.33
CA MSE A 1 15.86 2.81 -17.91
C MSE A 1 14.64 2.71 -16.99
O MSE A 1 13.71 3.51 -17.11
CB MSE A 1 16.58 4.14 -17.69
CG MSE A 1 17.77 4.08 -16.74
SE MSE A 1 19.24 3.02 -17.45
CE MSE A 1 19.39 3.86 -19.19
N ASN A 2 14.64 1.73 -16.09
CA ASN A 2 13.54 1.52 -15.17
C ASN A 2 12.21 1.34 -15.88
N ASP A 3 12.25 0.75 -17.07
CA ASP A 3 11.03 0.54 -17.84
C ASP A 3 9.97 -0.26 -17.09
N LYS A 4 10.37 -1.39 -16.49
CA LYS A 4 9.40 -2.19 -15.77
C LYS A 4 8.76 -1.44 -14.61
N LYS A 5 9.57 -0.71 -13.86
CA LYS A 5 9.07 0.07 -12.73
C LYS A 5 8.05 1.12 -13.18
N ILE A 6 8.40 1.88 -14.22
CA ILE A 6 7.54 2.93 -14.76
C ILE A 6 6.20 2.35 -15.24
N GLU A 7 6.26 1.21 -15.91
CA GLU A 7 5.07 0.54 -16.42
C GLU A 7 4.13 0.18 -15.25
N LEU A 8 4.68 -0.44 -14.21
CA LEU A 8 3.87 -0.83 -13.07
C LEU A 8 3.32 0.41 -12.36
N LEU A 9 4.18 1.40 -12.12
CA LEU A 9 3.74 2.62 -11.44
C LEU A 9 2.60 3.29 -12.21
N THR A 10 2.71 3.33 -13.52
CA THR A 10 1.68 3.97 -14.32
C THR A 10 0.36 3.20 -14.25
N THR A 11 0.41 1.89 -14.41
CA THR A 11 -0.81 1.09 -14.33
C THR A 11 -1.38 1.15 -12.92
N TYR A 12 -0.51 1.03 -11.93
CA TYR A 12 -0.91 1.06 -10.54
C TYR A 12 -1.64 2.36 -10.20
N LEU A 13 -1.01 3.48 -10.53
CA LEU A 13 -1.62 4.78 -10.24
C LEU A 13 -2.94 5.02 -10.98
N SER A 14 -3.08 4.44 -12.18
CA SER A 14 -4.32 4.62 -12.94
C SER A 14 -5.54 3.99 -12.26
N LEU A 15 -5.30 3.22 -11.20
CA LEU A 15 -6.39 2.57 -10.47
C LEU A 15 -7.11 3.55 -9.55
N TYR A 16 -6.42 4.62 -9.16
CA TYR A 16 -6.95 5.59 -8.21
C TYR A 16 -7.50 6.91 -8.72
N ILE A 17 -8.25 7.57 -7.84
CA ILE A 17 -8.77 8.90 -8.11
C ILE A 17 -8.38 9.71 -6.87
N ASP A 18 -7.94 10.94 -7.08
CA ASP A 18 -7.50 11.83 -5.99
C ASP A 18 -8.67 12.27 -5.12
N HIS A 19 -8.45 12.31 -3.82
CA HIS A 19 -9.50 12.71 -2.88
C HIS A 19 -9.99 14.14 -3.11
N HIS A 20 -9.13 14.99 -3.65
CA HIS A 20 -9.52 16.38 -3.90
C HIS A 20 -10.68 16.44 -4.88
N THR A 21 -10.60 15.61 -5.92
CA THR A 21 -11.64 15.54 -6.94
C THR A 21 -12.94 15.04 -6.32
N VAL A 22 -12.85 14.03 -5.47
CA VAL A 22 -14.03 13.49 -4.82
C VAL A 22 -14.64 14.58 -3.92
N LEU A 23 -13.78 15.24 -3.14
CA LEU A 23 -14.21 16.33 -2.23
C LEU A 23 -14.96 17.45 -2.94
N ALA A 24 -14.46 17.87 -4.10
CA ALA A 24 -15.10 18.96 -4.85
C ALA A 24 -16.48 18.55 -5.40
N ASP A 25 -16.64 17.28 -5.74
CA ASP A 25 -17.90 16.78 -6.27
C ASP A 25 -19.03 16.91 -5.24
N MSE A 26 -18.72 16.61 -3.98
CA MSE A 26 -19.73 16.71 -2.95
C MSE A 26 -19.98 18.16 -2.51
O MSE A 26 -21.12 18.52 -2.22
CB MSE A 26 -19.38 15.81 -1.74
CG MSE A 26 -17.94 15.82 -1.25
SE MSE A 26 -17.65 14.47 0.18
CE MSE A 26 -17.35 12.89 -0.92
N GLN A 27 -18.94 18.98 -2.50
CA GLN A 27 -19.10 20.38 -2.10
C GLN A 27 -19.80 21.19 -3.19
N ASN A 28 -19.79 20.67 -4.42
CA ASN A 28 -20.44 21.36 -5.53
C ASN A 28 -21.71 20.63 -5.96
N ALA A 29 -21.96 19.48 -5.33
CA ALA A 29 -23.14 18.66 -5.63
C ALA A 29 -23.25 18.42 -7.12
N THR A 30 -22.11 18.14 -7.76
CA THR A 30 -22.06 17.91 -9.20
C THR A 30 -22.47 16.51 -9.63
N GLY A 31 -22.79 15.66 -8.66
CA GLY A 31 -23.20 14.30 -8.97
C GLY A 31 -22.26 13.50 -9.86
N LYS A 32 -20.96 13.73 -9.72
CA LYS A 32 -19.99 13.02 -10.56
C LYS A 32 -19.66 11.60 -10.10
N TYR A 33 -19.58 11.40 -8.78
CA TYR A 33 -19.21 10.10 -8.24
C TYR A 33 -20.11 9.53 -7.16
N VAL A 34 -20.18 8.21 -7.10
CA VAL A 34 -20.93 7.52 -6.05
C VAL A 34 -19.85 6.86 -5.24
N VAL A 35 -19.74 7.24 -3.96
CA VAL A 35 -18.73 6.68 -3.09
C VAL A 35 -19.21 5.41 -2.37
N LEU A 36 -18.49 4.31 -2.57
CA LEU A 36 -18.82 3.05 -1.93
C LEU A 36 -17.80 2.65 -0.86
N ASP A 37 -18.31 2.36 0.33
CA ASP A 37 -17.48 1.91 1.46
C ASP A 37 -17.55 0.39 1.31
N VAL A 38 -16.45 -0.25 0.91
CA VAL A 38 -16.49 -1.70 0.68
C VAL A 38 -15.91 -2.59 1.79
N ARG A 39 -15.75 -2.04 2.97
CA ARG A 39 -15.24 -2.80 4.11
C ARG A 39 -16.23 -3.89 4.51
N ASN A 40 -15.71 -5.04 4.91
CA ASN A 40 -16.57 -6.15 5.31
C ASN A 40 -16.88 -6.15 6.80
N ALA A 41 -16.15 -5.35 7.57
CA ALA A 41 -16.39 -5.31 9.02
C ALA A 41 -17.81 -4.84 9.37
N PRO A 42 -18.32 -5.28 10.53
CA PRO A 42 -19.67 -4.87 10.95
C PRO A 42 -19.72 -3.35 11.18
N ALA A 43 -20.93 -2.81 11.16
CA ALA A 43 -21.17 -1.38 11.39
C ALA A 43 -20.58 -0.96 12.75
N GLN A 44 -20.72 -1.83 13.75
CA GLN A 44 -20.21 -1.55 15.09
C GLN A 44 -18.68 -1.44 15.12
N VAL A 45 -18.02 -2.02 14.11
CA VAL A 45 -16.56 -1.95 14.03
C VAL A 45 -16.16 -0.78 13.14
N LYS A 46 -16.89 -0.57 12.05
CA LYS A 46 -16.55 0.53 11.16
C LYS A 46 -16.65 1.87 11.90
N LYS A 47 -17.72 2.05 12.67
CA LYS A 47 -17.93 3.27 13.44
C LYS A 47 -18.42 4.44 12.57
N ASP A 48 -17.53 4.96 11.75
CA ASP A 48 -17.87 6.07 10.87
C ASP A 48 -17.55 5.73 9.41
N GLN A 49 -18.01 6.58 8.50
CA GLN A 49 -17.77 6.36 7.08
C GLN A 49 -17.67 7.72 6.39
N ILE A 50 -17.19 7.72 5.16
CA ILE A 50 -17.09 8.96 4.40
C ILE A 50 -18.49 9.51 4.21
N LYS A 51 -18.61 10.82 4.34
CA LYS A 51 -19.89 11.52 4.20
C LYS A 51 -20.57 11.23 2.86
N GLY A 52 -21.79 10.71 2.91
CA GLY A 52 -22.52 10.41 1.70
C GLY A 52 -22.21 9.08 1.05
N ALA A 53 -21.31 8.32 1.68
CA ALA A 53 -20.91 7.02 1.17
C ALA A 53 -22.00 5.97 1.30
N ILE A 54 -21.94 4.96 0.45
CA ILE A 54 -22.91 3.88 0.50
C ILE A 54 -22.17 2.62 0.96
N ALA A 55 -22.74 1.94 1.95
CA ALA A 55 -22.12 0.72 2.46
C ALA A 55 -22.37 -0.38 1.47
N MSE A 56 -21.31 -0.83 0.83
CA MSE A 56 -21.39 -1.89 -0.16
C MSE A 56 -20.23 -2.85 0.09
O MSE A 56 -19.21 -2.81 -0.62
CB MSE A 56 -21.29 -1.27 -1.56
CG MSE A 56 -21.31 -2.25 -2.69
SE MSE A 56 -22.97 -3.21 -2.80
CE MSE A 56 -24.00 -1.88 -3.76
N PRO A 57 -20.37 -3.73 1.09
CA PRO A 57 -19.31 -4.69 1.44
C PRO A 57 -18.80 -5.47 0.24
N ALA A 58 -17.48 -5.54 0.12
CA ALA A 58 -16.84 -6.25 -0.97
C ALA A 58 -17.41 -7.66 -1.12
N LYS A 59 -17.70 -8.31 0.00
CA LYS A 59 -18.23 -9.66 -0.03
C LYS A 59 -19.64 -9.81 -0.59
N ASP A 60 -20.39 -8.71 -0.66
CA ASP A 60 -21.77 -8.76 -1.17
C ASP A 60 -21.92 -8.04 -2.51
N LEU A 61 -20.89 -7.31 -2.92
CA LEU A 61 -20.93 -6.57 -4.17
C LEU A 61 -21.49 -7.38 -5.33
N ALA A 62 -20.93 -8.56 -5.57
CA ALA A 62 -21.40 -9.42 -6.66
C ALA A 62 -22.92 -9.63 -6.62
N THR A 63 -23.43 -9.96 -5.44
CA THR A 63 -24.87 -10.18 -5.25
C THR A 63 -25.72 -8.93 -5.39
N ARG A 64 -25.22 -7.80 -4.90
CA ARG A 64 -25.96 -6.54 -4.94
C ARG A 64 -25.62 -5.67 -6.15
N ILE A 65 -24.82 -6.20 -7.06
CA ILE A 65 -24.40 -5.44 -8.23
C ILE A 65 -25.57 -4.85 -9.03
N GLY A 66 -26.70 -5.56 -9.04
CA GLY A 66 -27.86 -5.06 -9.76
C GLY A 66 -28.35 -3.72 -9.25
N GLU A 67 -27.93 -3.37 -8.03
CA GLU A 67 -28.32 -2.12 -7.40
C GLU A 67 -27.61 -0.90 -7.99
N LEU A 68 -26.42 -1.13 -8.53
CA LEU A 68 -25.63 -0.05 -9.12
C LEU A 68 -26.08 0.34 -10.51
N ASP A 69 -25.87 1.61 -10.84
CA ASP A 69 -26.24 2.14 -12.14
C ASP A 69 -24.99 2.13 -13.03
N PRO A 70 -25.08 1.45 -14.18
CA PRO A 70 -23.98 1.34 -15.16
C PRO A 70 -23.48 2.66 -15.71
N ALA A 71 -24.35 3.66 -15.74
CA ALA A 71 -24.00 4.97 -16.29
C ALA A 71 -23.26 5.89 -15.33
N LYS A 72 -23.11 5.46 -14.09
CA LYS A 72 -22.43 6.28 -13.12
C LYS A 72 -20.97 5.83 -12.90
N THR A 73 -20.23 6.64 -12.17
CA THR A 73 -18.84 6.36 -11.87
C THR A 73 -18.69 6.08 -10.39
N TYR A 74 -18.13 4.93 -10.06
CA TYR A 74 -17.98 4.52 -8.66
C TYR A 74 -16.57 4.68 -8.09
N VAL A 75 -16.52 5.10 -6.84
CA VAL A 75 -15.23 5.28 -6.13
C VAL A 75 -15.31 4.38 -4.89
N VAL A 76 -14.39 3.41 -4.79
CA VAL A 76 -14.40 2.50 -3.65
C VAL A 76 -13.29 2.85 -2.68
N TYR A 77 -13.50 2.57 -1.40
CA TYR A 77 -12.48 2.84 -0.40
C TYR A 77 -12.58 1.81 0.70
N ASP A 78 -11.44 1.56 1.34
CA ASP A 78 -11.32 0.58 2.40
C ASP A 78 -10.65 1.29 3.58
N TRP A 79 -10.20 0.55 4.58
CA TRP A 79 -9.57 1.16 5.75
C TRP A 79 -8.34 2.00 5.39
N THR A 80 -7.38 1.35 4.74
CA THR A 80 -6.12 2.01 4.38
C THR A 80 -5.71 1.66 2.95
N GLY A 81 -4.57 2.21 2.53
CA GLY A 81 -4.07 1.93 1.21
C GLY A 81 -3.54 0.50 1.15
N GLY A 82 -3.18 -0.04 2.31
CA GLY A 82 -2.66 -1.40 2.39
C GLY A 82 -3.70 -2.50 2.40
N THR A 83 -4.92 -2.18 2.83
CA THR A 83 -5.98 -3.18 2.83
C THR A 83 -6.32 -3.51 1.38
N THR A 84 -6.79 -4.73 1.16
CA THR A 84 -7.10 -5.22 -0.19
C THR A 84 -8.57 -5.26 -0.60
N LEU A 85 -9.49 -4.82 0.26
CA LEU A 85 -10.89 -4.86 -0.14
C LEU A 85 -11.17 -3.81 -1.20
N GLY A 86 -10.43 -2.71 -1.16
CA GLY A 86 -10.59 -1.67 -2.15
C GLY A 86 -10.28 -2.26 -3.52
N LYS A 87 -9.12 -2.91 -3.65
CA LYS A 87 -8.74 -3.49 -4.92
C LYS A 87 -9.68 -4.64 -5.30
N THR A 88 -10.13 -5.44 -4.33
CA THR A 88 -11.04 -6.54 -4.64
C THR A 88 -12.34 -6.02 -5.26
N ALA A 89 -12.92 -4.98 -4.67
CA ALA A 89 -14.17 -4.39 -5.17
C ALA A 89 -13.94 -3.76 -6.54
N LEU A 90 -12.80 -3.09 -6.69
CA LEU A 90 -12.46 -2.45 -7.95
C LEU A 90 -12.38 -3.50 -9.07
N LEU A 91 -11.74 -4.62 -8.78
CA LEU A 91 -11.62 -5.71 -9.76
C LEU A 91 -12.98 -6.23 -10.19
N VAL A 92 -13.88 -6.43 -9.23
CA VAL A 92 -15.23 -6.91 -9.52
C VAL A 92 -15.96 -5.92 -10.44
N LEU A 93 -15.91 -4.64 -10.09
CA LEU A 93 -16.56 -3.60 -10.87
C LEU A 93 -15.97 -3.46 -12.28
N LEU A 94 -14.65 -3.32 -12.36
CA LEU A 94 -14.02 -3.20 -13.68
C LEU A 94 -14.31 -4.45 -14.50
N SER A 95 -14.28 -5.63 -13.87
CA SER A 95 -14.57 -6.87 -14.57
C SER A 95 -16.01 -6.92 -15.06
N ALA A 96 -16.90 -6.24 -14.35
CA ALA A 96 -18.32 -6.22 -14.71
C ALA A 96 -18.63 -5.16 -15.78
N GLY A 97 -17.62 -4.37 -16.12
CA GLY A 97 -17.82 -3.34 -17.12
C GLY A 97 -18.18 -1.97 -16.55
N PHE A 98 -18.13 -1.84 -15.24
CA PHE A 98 -18.44 -0.58 -14.57
C PHE A 98 -17.25 0.36 -14.55
N GLU A 99 -17.50 1.67 -14.56
CA GLU A 99 -16.41 2.62 -14.49
C GLU A 99 -16.18 2.85 -12.99
N ALA A 100 -14.99 2.51 -12.51
CA ALA A 100 -14.69 2.66 -11.10
C ALA A 100 -13.24 3.00 -10.84
N TYR A 101 -12.98 3.51 -9.64
CA TYR A 101 -11.64 3.89 -9.20
C TYR A 101 -11.57 3.65 -7.70
N GLU A 102 -10.35 3.52 -7.17
CA GLU A 102 -10.16 3.35 -5.73
C GLU A 102 -9.76 4.71 -5.17
N LEU A 103 -10.23 5.05 -3.98
CA LEU A 103 -9.89 6.35 -3.36
C LEU A 103 -8.44 6.34 -2.89
N ALA A 104 -7.60 7.19 -3.49
CA ALA A 104 -6.20 7.26 -3.10
C ALA A 104 -6.15 7.71 -1.63
N GLY A 105 -5.43 6.97 -0.81
CA GLY A 105 -5.33 7.32 0.61
C GLY A 105 -6.33 6.57 1.48
N ALA A 106 -7.40 6.08 0.86
CA ALA A 106 -8.43 5.33 1.57
C ALA A 106 -9.06 6.12 2.71
N LEU A 107 -9.74 5.43 3.62
CA LEU A 107 -10.38 6.10 4.76
C LEU A 107 -9.33 6.79 5.65
N GLU A 108 -8.21 6.11 5.87
CA GLU A 108 -7.11 6.61 6.70
C GLU A 108 -6.64 7.99 6.24
N GLY A 109 -6.49 8.14 4.93
CA GLY A 109 -6.04 9.41 4.37
C GLY A 109 -7.10 10.49 4.54
N TRP A 110 -8.36 10.10 4.31
CA TRP A 110 -9.48 11.01 4.43
C TRP A 110 -9.54 11.58 5.84
N LYS A 111 -9.47 10.71 6.83
CA LYS A 111 -9.49 11.09 8.24
C LYS A 111 -8.26 11.94 8.57
N GLY A 112 -7.12 11.55 8.00
CA GLY A 112 -5.90 12.28 8.26
C GLY A 112 -5.98 13.73 7.80
N MSE A 113 -6.69 13.96 6.70
CA MSE A 113 -6.86 15.31 6.16
C MSE A 113 -8.08 15.98 6.80
O MSE A 113 -8.51 17.03 6.33
CB MSE A 113 -7.08 15.25 4.64
CG MSE A 113 -5.96 14.60 3.82
SE MSE A 113 -4.35 15.65 3.68
CE MSE A 113 -3.41 15.00 5.24
N GLN A 114 -8.62 15.37 7.85
CA GLN A 114 -9.78 15.91 8.54
C GLN A 114 -10.92 16.23 7.57
N LEU A 115 -11.24 15.29 6.69
CA LEU A 115 -12.33 15.47 5.73
C LEU A 115 -13.65 14.97 6.33
N PRO A 116 -14.79 15.35 5.71
CA PRO A 116 -16.13 14.97 6.18
C PRO A 116 -16.48 13.50 6.37
N LEU A 117 -16.95 13.18 7.57
CA LEU A 117 -17.36 11.83 7.90
C LEU A 117 -18.80 11.85 8.43
N GLU A 118 -19.32 10.66 8.68
CA GLU A 118 -20.67 10.53 9.22
C GLU A 118 -20.72 9.20 9.95
N HIS A 119 -21.70 9.06 10.83
CA HIS A 119 -21.87 7.84 11.61
C HIS A 119 -23.06 7.06 11.10
N ASN B 2 4.13 -20.17 -10.02
CA ASN B 2 3.52 -18.97 -10.66
C ASN B 2 4.52 -17.84 -10.94
N ASP B 3 4.95 -17.77 -12.19
CA ASP B 3 5.91 -16.78 -12.65
C ASP B 3 5.33 -15.36 -12.56
N LYS B 4 4.05 -15.22 -12.86
CA LYS B 4 3.43 -13.91 -12.81
C LYS B 4 3.47 -13.28 -11.42
N LYS B 5 3.27 -14.09 -10.38
CA LYS B 5 3.31 -13.57 -9.02
C LYS B 5 4.70 -13.07 -8.65
N ILE B 6 5.70 -13.91 -8.90
CA ILE B 6 7.09 -13.58 -8.60
C ILE B 6 7.52 -12.37 -9.42
N GLU B 7 7.01 -12.29 -10.64
CA GLU B 7 7.33 -11.19 -11.52
C GLU B 7 6.81 -9.89 -10.89
N LEU B 8 5.56 -9.89 -10.44
CA LEU B 8 4.98 -8.70 -9.82
C LEU B 8 5.70 -8.35 -8.51
N LEU B 9 5.92 -9.34 -7.65
CA LEU B 9 6.60 -9.10 -6.38
C LEU B 9 7.98 -8.49 -6.58
N THR B 10 8.71 -8.97 -7.57
CA THR B 10 10.05 -8.48 -7.85
C THR B 10 10.04 -7.03 -8.30
N THR B 11 9.11 -6.68 -9.19
CA THR B 11 9.03 -5.31 -9.68
C THR B 11 8.48 -4.37 -8.62
N TYR B 12 7.47 -4.82 -7.88
CA TYR B 12 6.86 -3.98 -6.85
C TYR B 12 7.87 -3.67 -5.74
N LEU B 13 8.62 -4.69 -5.32
CA LEU B 13 9.61 -4.49 -4.26
C LEU B 13 10.78 -3.65 -4.73
N SER B 14 11.08 -3.68 -6.04
CA SER B 14 12.19 -2.89 -6.57
C SER B 14 11.91 -1.39 -6.48
N LEU B 15 10.68 -1.05 -6.11
CA LEU B 15 10.27 0.35 -5.98
C LEU B 15 10.63 0.89 -4.61
N TYR B 16 10.86 -0.01 -3.65
CA TYR B 16 11.16 0.40 -2.28
C TYR B 16 12.59 0.19 -1.83
N ILE B 17 12.95 0.89 -0.75
CA ILE B 17 14.26 0.78 -0.14
C ILE B 17 14.03 0.59 1.35
N ASP B 18 14.80 -0.32 1.95
CA ASP B 18 14.69 -0.64 3.37
C ASP B 18 15.23 0.49 4.24
N HIS B 19 14.57 0.72 5.38
CA HIS B 19 14.98 1.77 6.29
C HIS B 19 16.39 1.50 6.83
N HIS B 20 16.74 0.22 6.93
CA HIS B 20 18.05 -0.20 7.41
C HIS B 20 19.15 0.30 6.48
N THR B 21 18.87 0.22 5.18
CA THR B 21 19.82 0.67 4.16
C THR B 21 20.00 2.17 4.23
N VAL B 22 18.88 2.89 4.43
CA VAL B 22 18.90 4.34 4.51
C VAL B 22 19.59 4.80 5.79
N LEU B 23 19.30 4.10 6.88
CA LEU B 23 19.88 4.42 8.17
C LEU B 23 21.40 4.23 8.16
N ALA B 24 21.83 3.06 7.72
CA ALA B 24 23.26 2.75 7.66
C ALA B 24 24.02 3.79 6.84
N ASP B 25 23.42 4.24 5.74
CA ASP B 25 24.06 5.21 4.88
C ASP B 25 24.21 6.59 5.55
N MSE B 26 23.21 7.00 6.33
CA MSE B 26 23.31 8.31 7.00
C MSE B 26 24.15 8.28 8.27
O MSE B 26 24.38 9.33 8.88
CB MSE B 26 21.91 8.86 7.32
CG MSE B 26 21.11 8.07 8.34
SE MSE B 26 19.43 8.92 8.83
CE MSE B 26 18.45 8.60 7.19
N GLN B 27 24.62 7.10 8.67
CA GLN B 27 25.44 7.00 9.87
C GLN B 27 26.88 6.63 9.53
N ASN B 28 27.11 6.25 8.27
CA ASN B 28 28.45 5.90 7.83
C ASN B 28 29.00 7.02 6.93
N ALA B 29 28.20 8.07 6.76
CA ALA B 29 28.59 9.20 5.93
C ALA B 29 28.91 8.79 4.50
N THR B 30 28.22 7.75 4.03
CA THR B 30 28.44 7.26 2.68
C THR B 30 27.90 8.25 1.66
N GLY B 31 26.89 9.02 2.05
CA GLY B 31 26.31 10.00 1.17
C GLY B 31 25.85 9.43 -0.15
N LYS B 32 25.13 8.32 -0.10
CA LYS B 32 24.65 7.67 -1.31
C LYS B 32 23.16 7.97 -1.53
N TYR B 33 22.46 8.35 -0.46
CA TYR B 33 21.03 8.64 -0.57
C TYR B 33 20.65 10.04 -0.07
N VAL B 34 19.64 10.62 -0.71
CA VAL B 34 19.12 11.92 -0.34
C VAL B 34 17.62 11.67 -0.12
N VAL B 35 17.16 11.96 1.10
CA VAL B 35 15.78 11.73 1.48
C VAL B 35 14.93 12.97 1.17
N LEU B 36 13.79 12.75 0.52
CA LEU B 36 12.85 13.82 0.15
C LEU B 36 11.53 13.62 0.85
N ASP B 37 11.14 14.61 1.65
CA ASP B 37 9.87 14.57 2.38
C ASP B 37 8.84 15.16 1.40
N VAL B 38 8.01 14.31 0.81
CA VAL B 38 7.03 14.78 -0.16
C VAL B 38 5.65 15.06 0.41
N ARG B 39 5.54 15.17 1.73
CA ARG B 39 4.26 15.46 2.38
C ARG B 39 3.80 16.87 1.97
N ASN B 40 2.51 17.16 2.16
CA ASN B 40 1.98 18.48 1.83
C ASN B 40 2.57 19.53 2.76
N ALA B 41 2.76 20.74 2.24
CA ALA B 41 3.35 21.85 2.99
C ALA B 41 2.86 22.00 4.43
N PRO B 42 1.54 22.10 4.65
CA PRO B 42 1.02 22.27 6.02
C PRO B 42 1.54 21.26 7.03
N ALA B 43 1.64 20.00 6.61
CA ALA B 43 2.12 18.95 7.51
C ALA B 43 3.59 19.13 7.90
N GLN B 44 4.38 19.64 6.96
CA GLN B 44 5.80 19.85 7.17
C GLN B 44 6.14 21.02 8.10
N VAL B 45 5.12 21.75 8.53
CA VAL B 45 5.31 22.88 9.44
C VAL B 45 5.66 22.38 10.86
N LYS B 46 5.28 21.15 11.15
CA LYS B 46 5.57 20.55 12.47
C LYS B 46 7.06 20.22 12.59
N LYS B 47 7.78 20.35 11.48
CA LYS B 47 9.21 20.10 11.47
C LYS B 47 9.60 18.74 12.05
N ASP B 48 8.83 17.70 11.75
CA ASP B 48 9.10 16.36 12.23
C ASP B 48 9.66 15.46 11.15
N GLN B 49 10.39 16.04 10.21
CA GLN B 49 10.96 15.27 9.11
C GLN B 49 12.12 14.38 9.56
N ILE B 50 12.46 13.43 8.70
CA ILE B 50 13.55 12.51 8.91
C ILE B 50 14.84 13.33 8.83
N LYS B 51 15.82 12.97 9.65
CA LYS B 51 17.10 13.67 9.70
C LYS B 51 17.69 13.87 8.29
N GLY B 52 18.03 15.12 7.97
CA GLY B 52 18.60 15.42 6.68
C GLY B 52 17.63 15.42 5.49
N ALA B 53 16.34 15.20 5.77
CA ALA B 53 15.36 15.16 4.70
C ALA B 53 15.07 16.54 4.13
N ILE B 54 14.92 16.60 2.81
CA ILE B 54 14.64 17.85 2.12
C ILE B 54 13.13 17.99 1.96
N ALA B 55 12.58 19.13 2.41
CA ALA B 55 11.15 19.37 2.31
C ALA B 55 10.80 19.66 0.86
N MSE B 56 10.07 18.73 0.24
CA MSE B 56 9.67 18.87 -1.15
C MSE B 56 8.28 18.31 -1.41
O MSE B 56 8.12 17.17 -1.86
CB MSE B 56 10.69 18.16 -2.04
CG MSE B 56 10.30 18.10 -3.49
SE MSE B 56 11.75 18.58 -4.63
CE MSE B 56 13.00 17.20 -4.15
N PRO B 57 7.25 19.12 -1.13
CA PRO B 57 5.84 18.72 -1.33
C PRO B 57 5.63 18.09 -2.69
N ALA B 58 4.94 16.95 -2.69
CA ALA B 58 4.67 16.21 -3.91
C ALA B 58 4.17 17.07 -5.08
N LYS B 59 3.30 18.04 -4.81
CA LYS B 59 2.75 18.89 -5.86
C LYS B 59 3.74 19.93 -6.38
N ASP B 60 4.96 19.92 -5.86
CA ASP B 60 5.97 20.87 -6.30
C ASP B 60 7.18 20.13 -6.84
N LEU B 61 7.21 18.82 -6.65
CA LEU B 61 8.33 18.00 -7.10
C LEU B 61 8.74 18.24 -8.56
N ALA B 62 7.83 17.98 -9.49
CA ALA B 62 8.13 18.15 -10.91
C ALA B 62 8.73 19.52 -11.21
N THR B 63 8.30 20.53 -10.46
CA THR B 63 8.79 21.89 -10.63
C THR B 63 10.19 22.14 -10.06
N ARG B 64 10.47 21.54 -8.91
CA ARG B 64 11.76 21.72 -8.22
C ARG B 64 12.75 20.58 -8.43
N ILE B 65 12.44 19.69 -9.37
CA ILE B 65 13.30 18.56 -9.63
C ILE B 65 14.61 18.96 -10.33
N GLY B 66 14.67 20.22 -10.75
CA GLY B 66 15.85 20.73 -11.43
C GLY B 66 16.94 21.17 -10.45
N GLU B 67 16.66 21.08 -9.16
CA GLU B 67 17.62 21.48 -8.14
C GLU B 67 18.28 20.25 -7.54
N LEU B 68 17.99 19.09 -8.10
CA LEU B 68 18.53 17.83 -7.59
C LEU B 68 19.78 17.34 -8.31
N ASP B 69 20.71 16.78 -7.56
CA ASP B 69 21.94 16.24 -8.11
C ASP B 69 21.63 14.89 -8.76
N PRO B 70 21.92 14.74 -10.06
CA PRO B 70 21.66 13.51 -10.80
C PRO B 70 22.50 12.29 -10.40
N ALA B 71 23.58 12.54 -9.68
CA ALA B 71 24.46 11.47 -9.22
C ALA B 71 23.98 10.83 -7.92
N LYS B 72 22.98 11.44 -7.29
CA LYS B 72 22.44 10.94 -6.03
C LYS B 72 21.22 10.05 -6.22
N THR B 73 20.96 9.20 -5.24
CA THR B 73 19.78 8.34 -5.28
C THR B 73 18.79 8.93 -4.30
N TYR B 74 17.58 9.18 -4.76
CA TYR B 74 16.56 9.79 -3.91
C TYR B 74 15.57 8.81 -3.31
N VAL B 75 15.20 9.09 -2.06
CA VAL B 75 14.25 8.25 -1.31
C VAL B 75 13.11 9.19 -0.91
N VAL B 76 11.90 8.88 -1.37
CA VAL B 76 10.76 9.72 -1.05
C VAL B 76 9.87 9.07 0.02
N TYR B 77 9.09 9.88 0.72
CA TYR B 77 8.17 9.35 1.73
C TYR B 77 7.05 10.34 2.06
N ASP B 78 5.89 9.78 2.38
CA ASP B 78 4.74 10.60 2.76
C ASP B 78 4.55 10.24 4.23
N TRP B 79 3.52 10.77 4.86
CA TRP B 79 3.31 10.49 6.27
C TRP B 79 3.06 9.01 6.53
N THR B 80 2.44 8.33 5.58
CA THR B 80 2.15 6.92 5.74
C THR B 80 2.30 6.20 4.40
N GLY B 81 2.55 4.90 4.45
CA GLY B 81 2.72 4.15 3.22
C GLY B 81 1.43 3.93 2.44
N GLY B 82 0.29 4.04 3.12
CA GLY B 82 -0.98 3.82 2.46
C GLY B 82 -1.40 4.77 1.34
N THR B 83 -0.77 5.94 1.28
CA THR B 83 -1.11 6.91 0.25
C THR B 83 -0.42 6.56 -1.07
N THR B 84 -0.69 7.35 -2.09
CA THR B 84 -0.09 7.14 -3.41
C THR B 84 0.92 8.25 -3.72
N LEU B 85 1.11 9.17 -2.79
CA LEU B 85 2.04 10.29 -3.01
C LEU B 85 3.47 9.83 -3.25
N GLY B 86 3.85 8.74 -2.59
CA GLY B 86 5.20 8.22 -2.76
C GLY B 86 5.41 7.68 -4.16
N LYS B 87 4.45 6.93 -4.66
CA LYS B 87 4.57 6.35 -6.00
C LYS B 87 4.48 7.42 -7.07
N THR B 88 3.64 8.42 -6.86
CA THR B 88 3.51 9.49 -7.83
C THR B 88 4.83 10.26 -7.93
N ALA B 89 5.45 10.54 -6.79
CA ALA B 89 6.74 11.24 -6.79
C ALA B 89 7.77 10.32 -7.47
N LEU B 90 7.77 9.04 -7.10
CA LEU B 90 8.70 8.09 -7.68
C LEU B 90 8.59 8.06 -9.20
N LEU B 91 7.37 8.07 -9.71
CA LEU B 91 7.16 8.04 -11.16
C LEU B 91 7.76 9.26 -11.85
N VAL B 92 7.65 10.42 -11.20
CA VAL B 92 8.21 11.65 -11.73
C VAL B 92 9.73 11.55 -11.81
N LEU B 93 10.34 11.08 -10.71
CA LEU B 93 11.80 10.95 -10.64
C LEU B 93 12.34 9.93 -11.66
N LEU B 94 11.75 8.74 -11.66
CA LEU B 94 12.18 7.69 -12.59
C LEU B 94 11.95 8.11 -14.05
N SER B 95 10.85 8.80 -14.32
CA SER B 95 10.57 9.25 -15.70
C SER B 95 11.58 10.30 -16.16
N ALA B 96 12.13 11.04 -15.20
CA ALA B 96 13.11 12.08 -15.49
C ALA B 96 14.53 11.55 -15.62
N GLY B 97 14.69 10.23 -15.47
CA GLY B 97 16.01 9.64 -15.57
C GLY B 97 16.77 9.58 -14.26
N PHE B 98 16.07 9.73 -13.15
CA PHE B 98 16.71 9.68 -11.83
C PHE B 98 16.58 8.30 -11.21
N GLU B 99 17.48 8.01 -10.28
CA GLU B 99 17.43 6.75 -9.56
C GLU B 99 16.73 7.09 -8.25
N ALA B 100 15.60 6.43 -7.97
CA ALA B 100 14.88 6.71 -6.73
C ALA B 100 14.13 5.49 -6.20
N TYR B 101 13.68 5.61 -4.97
CA TYR B 101 12.94 4.54 -4.29
C TYR B 101 12.02 5.20 -3.27
N GLU B 102 10.99 4.47 -2.87
CA GLU B 102 10.08 4.97 -1.86
C GLU B 102 10.58 4.33 -0.55
N LEU B 103 10.53 5.07 0.56
CA LEU B 103 10.97 4.52 1.84
C LEU B 103 9.92 3.56 2.39
N ALA B 104 10.30 2.30 2.63
CA ALA B 104 9.37 1.31 3.18
C ALA B 104 8.97 1.74 4.60
N GLY B 105 7.67 1.75 4.88
CA GLY B 105 7.22 2.15 6.21
C GLY B 105 6.87 3.62 6.30
N ALA B 106 7.42 4.43 5.39
CA ALA B 106 7.15 5.87 5.38
C ALA B 106 7.55 6.55 6.70
N LEU B 107 7.00 7.74 6.94
CA LEU B 107 7.31 8.49 8.16
C LEU B 107 6.77 7.81 9.41
N GLU B 108 5.55 7.30 9.32
CA GLU B 108 4.92 6.62 10.45
C GLU B 108 5.81 5.46 10.91
N GLY B 109 6.25 4.63 9.96
CA GLY B 109 7.10 3.50 10.30
C GLY B 109 8.44 3.95 10.88
N TRP B 110 9.05 4.95 10.26
CA TRP B 110 10.33 5.48 10.70
C TRP B 110 10.25 5.95 12.16
N LYS B 111 9.22 6.72 12.49
CA LYS B 111 9.04 7.18 13.86
C LYS B 111 8.75 5.99 14.76
N GLY B 112 7.95 5.05 14.24
CA GLY B 112 7.59 3.87 14.99
C GLY B 112 8.81 3.11 15.48
N MSE B 113 9.90 3.22 14.73
CA MSE B 113 11.14 2.56 15.09
C MSE B 113 12.08 3.51 15.82
O MSE B 113 13.23 3.18 16.09
CB MSE B 113 11.83 2.03 13.84
CG MSE B 113 11.59 0.56 13.61
SE MSE B 113 11.56 0.13 11.76
CE MSE B 113 9.67 -0.31 11.63
N GLN B 114 11.56 4.70 16.13
CA GLN B 114 12.33 5.72 16.83
C GLN B 114 13.63 6.07 16.11
N LEU B 115 13.57 6.07 14.77
CA LEU B 115 14.75 6.40 13.98
C LEU B 115 15.01 7.90 14.03
N PRO B 116 16.22 8.33 13.64
CA PRO B 116 16.58 9.74 13.65
C PRO B 116 15.75 10.76 12.87
N LEU B 117 15.32 11.80 13.57
CA LEU B 117 14.55 12.88 13.01
C LEU B 117 15.43 14.13 13.07
N GLU B 118 15.24 15.03 12.13
CA GLU B 118 16.02 16.26 12.06
C GLU B 118 16.07 16.99 13.40
N HIS B 119 14.90 17.29 13.97
CA HIS B 119 14.83 17.97 15.24
C HIS B 119 14.60 16.99 16.38
N HIS B 120 15.51 17.00 17.34
CA HIS B 120 15.43 16.11 18.47
C HIS B 120 15.69 16.84 19.78
N HIS B 121 15.39 16.18 20.90
CA HIS B 121 15.61 16.76 22.22
C HIS B 121 17.07 17.19 22.37
N HIS B 122 17.28 18.31 23.05
CA HIS B 122 18.63 18.85 23.28
C HIS B 122 19.00 18.77 24.76
N ASN C 2 -9.32 -1.22 -19.87
CA ASN C 2 -9.08 -1.67 -18.47
C ASN C 2 -8.37 -3.02 -18.39
N ASP C 3 -7.87 -3.51 -19.53
CA ASP C 3 -7.16 -4.79 -19.56
C ASP C 3 -5.94 -4.80 -18.65
N LYS C 4 -5.13 -3.74 -18.71
CA LYS C 4 -3.93 -3.68 -17.87
C LYS C 4 -4.31 -3.58 -16.39
N LYS C 5 -5.35 -2.82 -16.09
CA LYS C 5 -5.80 -2.69 -14.70
C LYS C 5 -6.29 -4.04 -14.19
N ILE C 6 -7.14 -4.69 -14.97
CA ILE C 6 -7.68 -5.99 -14.56
C ILE C 6 -6.59 -7.04 -14.35
N GLU C 7 -5.57 -6.99 -15.21
CA GLU C 7 -4.43 -7.89 -15.15
C GLU C 7 -3.64 -7.69 -13.86
N LEU C 8 -3.29 -6.43 -13.58
CA LEU C 8 -2.53 -6.08 -12.38
C LEU C 8 -3.32 -6.48 -11.13
N LEU C 9 -4.57 -6.05 -11.06
CA LEU C 9 -5.41 -6.37 -9.93
C LEU C 9 -5.50 -7.88 -9.72
N THR C 10 -5.68 -8.63 -10.81
CA THR C 10 -5.78 -10.10 -10.72
C THR C 10 -4.52 -10.73 -10.12
N THR C 11 -3.35 -10.33 -10.62
CA THR C 11 -2.12 -10.90 -10.10
C THR C 11 -1.85 -10.41 -8.68
N TYR C 12 -2.09 -9.12 -8.45
CA TYR C 12 -1.87 -8.56 -7.13
C TYR C 12 -2.71 -9.28 -6.07
N LEU C 13 -4.01 -9.42 -6.32
CA LEU C 13 -4.88 -10.07 -5.35
C LEU C 13 -4.61 -11.57 -5.16
N SER C 14 -4.01 -12.22 -6.16
CA SER C 14 -3.71 -13.65 -6.04
C SER C 14 -2.63 -13.90 -4.98
N LEU C 15 -1.95 -12.83 -4.59
CA LEU C 15 -0.91 -12.90 -3.56
C LEU C 15 -1.51 -13.04 -2.17
N TYR C 16 -2.79 -12.75 -2.04
CA TYR C 16 -3.47 -12.80 -0.74
C TYR C 16 -4.49 -13.93 -0.52
N ILE C 17 -4.81 -14.16 0.74
CA ILE C 17 -5.78 -15.19 1.12
C ILE C 17 -6.73 -14.63 2.19
N ASP C 18 -8.00 -14.98 2.07
CA ASP C 18 -9.03 -14.50 3.00
C ASP C 18 -8.79 -14.97 4.43
N HIS C 19 -8.91 -14.05 5.38
CA HIS C 19 -8.70 -14.38 6.78
C HIS C 19 -9.75 -15.39 7.27
N HIS C 20 -10.90 -15.38 6.62
CA HIS C 20 -11.98 -16.29 6.97
C HIS C 20 -11.54 -17.73 6.70
N THR C 21 -10.93 -17.95 5.55
CA THR C 21 -10.47 -19.27 5.18
C THR C 21 -9.38 -19.75 6.14
N VAL C 22 -8.49 -18.85 6.50
CA VAL C 22 -7.39 -19.19 7.41
C VAL C 22 -7.89 -19.48 8.82
N LEU C 23 -8.71 -18.57 9.33
CA LEU C 23 -9.27 -18.71 10.67
C LEU C 23 -10.01 -20.05 10.82
N ALA C 24 -10.91 -20.32 9.88
CA ALA C 24 -11.68 -21.56 9.93
C ALA C 24 -10.78 -22.77 10.00
N ASP C 25 -9.70 -22.76 9.22
CA ASP C 25 -8.75 -23.87 9.21
C ASP C 25 -8.08 -24.05 10.58
N MSE C 26 -7.84 -22.94 11.27
CA MSE C 26 -7.20 -23.00 12.58
C MSE C 26 -8.15 -23.58 13.63
O MSE C 26 -7.77 -23.88 14.75
CB MSE C 26 -6.74 -21.60 13.00
CG MSE C 26 -5.67 -20.98 12.10
SE MSE C 26 -5.09 -19.18 12.62
CE MSE C 26 -3.77 -19.66 13.97
N GLN C 27 -9.42 -23.76 13.24
CA GLN C 27 -10.43 -24.30 14.15
C GLN C 27 -10.94 -25.65 13.65
N ASN C 28 -10.99 -25.78 12.33
CA ASN C 28 -11.46 -26.97 11.65
C ASN C 28 -10.64 -28.22 11.96
N ALA C 29 -9.56 -28.04 12.73
CA ALA C 29 -8.69 -29.15 13.10
C ALA C 29 -8.02 -29.77 11.87
N THR C 30 -8.06 -29.04 10.76
CA THR C 30 -7.44 -29.51 9.52
C THR C 30 -5.95 -29.16 9.55
N GLY C 31 -5.65 -27.97 10.07
CA GLY C 31 -4.28 -27.53 10.16
C GLY C 31 -3.45 -27.63 8.90
N LYS C 32 -3.92 -27.03 7.80
CA LYS C 32 -3.16 -27.05 6.57
C LYS C 32 -2.48 -25.69 6.37
N TYR C 33 -2.95 -24.69 7.11
CA TYR C 33 -2.39 -23.35 7.03
C TYR C 33 -1.52 -23.06 8.25
N VAL C 34 -0.38 -22.42 8.01
CA VAL C 34 0.54 -22.06 9.09
C VAL C 34 0.80 -20.56 8.94
N VAL C 35 0.53 -19.81 10.01
CA VAL C 35 0.73 -18.37 9.99
C VAL C 35 2.13 -18.00 10.45
N LEU C 36 2.78 -17.13 9.69
CA LEU C 36 4.11 -16.67 10.04
C LEU C 36 4.12 -15.17 10.33
N ASP C 37 4.57 -14.80 11.53
CA ASP C 37 4.66 -13.39 11.91
C ASP C 37 6.06 -13.01 11.48
N VAL C 38 6.15 -12.24 10.40
CA VAL C 38 7.44 -11.85 9.85
C VAL C 38 7.99 -10.48 10.24
N ARG C 39 7.54 -9.95 11.37
CA ARG C 39 8.02 -8.64 11.81
C ARG C 39 9.50 -8.72 12.21
N ASN C 40 10.27 -7.71 11.84
CA ASN C 40 11.69 -7.64 12.14
C ASN C 40 11.92 -6.77 13.38
N GLN C 49 -0.53 -9.57 18.45
CA GLN C 49 0.00 -10.83 17.95
C GLN C 49 -1.10 -11.87 17.74
N ILE C 50 -0.87 -12.79 16.82
CA ILE C 50 -1.84 -13.85 16.53
C ILE C 50 -1.40 -15.12 17.24
N LYS C 51 -2.25 -15.61 18.14
CA LYS C 51 -1.94 -16.84 18.87
C LYS C 51 -1.84 -18.02 17.91
N GLY C 52 -0.76 -18.79 18.04
CA GLY C 52 -0.58 -19.94 17.18
C GLY C 52 0.33 -19.63 16.01
N ALA C 53 0.66 -18.36 15.82
CA ALA C 53 1.54 -17.94 14.73
C ALA C 53 3.01 -18.19 15.06
N ILE C 54 3.77 -18.61 14.07
CA ILE C 54 5.20 -18.86 14.27
C ILE C 54 6.00 -17.59 13.97
N ALA C 55 6.78 -17.14 14.95
CA ALA C 55 7.59 -15.94 14.77
C ALA C 55 8.80 -16.24 13.90
N MSE C 56 8.82 -15.69 12.69
CA MSE C 56 9.95 -15.90 11.78
C MSE C 56 10.20 -14.62 10.99
O MSE C 56 9.53 -14.36 9.99
CB MSE C 56 9.63 -17.07 10.83
CG MSE C 56 10.86 -17.66 10.13
SE MSE C 56 10.45 -19.21 9.04
CE MSE C 56 9.72 -20.34 10.43
N PRO C 57 11.16 -13.79 11.44
CA PRO C 57 11.47 -12.54 10.74
C PRO C 57 11.73 -12.72 9.25
N ALA C 58 11.24 -11.79 8.45
CA ALA C 58 11.41 -11.84 7.01
C ALA C 58 12.89 -11.84 6.62
N LYS C 59 13.74 -11.24 7.46
CA LYS C 59 15.16 -11.19 7.16
C LYS C 59 15.86 -12.53 7.43
N ASP C 60 15.28 -13.34 8.31
CA ASP C 60 15.85 -14.64 8.64
C ASP C 60 15.15 -15.75 7.89
N LEU C 61 14.01 -15.42 7.27
CA LEU C 61 13.24 -16.39 6.52
C LEU C 61 14.10 -17.05 5.45
N ALA C 62 14.96 -16.26 4.81
CA ALA C 62 15.84 -16.77 3.76
C ALA C 62 16.95 -17.65 4.33
N THR C 63 16.71 -18.22 5.51
CA THR C 63 17.69 -19.09 6.15
C THR C 63 17.00 -20.14 6.99
N ARG C 64 15.89 -19.77 7.60
CA ARG C 64 15.13 -20.68 8.45
C ARG C 64 14.01 -21.37 7.68
N ILE C 65 13.76 -20.91 6.46
CA ILE C 65 12.70 -21.48 5.64
C ILE C 65 12.88 -22.98 5.46
N GLY C 66 14.06 -23.49 5.80
CA GLY C 66 14.31 -24.92 5.68
C GLY C 66 13.74 -25.66 6.87
N GLU C 67 13.03 -24.94 7.71
CA GLU C 67 12.40 -25.50 8.90
C GLU C 67 10.90 -25.59 8.70
N LEU C 68 10.48 -25.45 7.44
CA LEU C 68 9.06 -25.47 7.09
C LEU C 68 8.60 -26.77 6.42
N ASP C 69 7.40 -27.21 6.79
CA ASP C 69 6.82 -28.41 6.23
C ASP C 69 6.12 -28.07 4.92
N PRO C 70 6.64 -28.55 3.78
CA PRO C 70 6.11 -28.33 2.44
C PRO C 70 4.64 -28.70 2.27
N ALA C 71 4.15 -29.59 3.12
CA ALA C 71 2.77 -30.03 3.04
C ALA C 71 1.83 -28.97 3.63
N LYS C 72 2.38 -27.87 4.11
CA LYS C 72 1.57 -26.82 4.71
C LYS C 72 1.58 -25.55 3.85
N THR C 73 0.49 -24.79 3.89
CA THR C 73 0.43 -23.54 3.14
C THR C 73 0.73 -22.42 4.15
N TYR C 74 1.75 -21.62 3.87
CA TYR C 74 2.13 -20.55 4.78
C TYR C 74 1.47 -19.21 4.49
N VAL C 75 0.99 -18.59 5.55
CA VAL C 75 0.31 -17.30 5.49
C VAL C 75 1.14 -16.28 6.25
N VAL C 76 1.69 -15.31 5.51
CA VAL C 76 2.51 -14.28 6.10
C VAL C 76 1.62 -13.16 6.63
N TYR C 77 1.87 -12.79 7.88
CA TYR C 77 1.12 -11.75 8.56
C TYR C 77 1.98 -10.55 8.86
N ASP C 78 1.56 -9.39 8.34
CA ASP C 78 2.27 -8.13 8.54
C ASP C 78 1.48 -7.27 9.52
N TRP C 79 1.87 -7.32 10.79
CA TRP C 79 1.22 -6.56 11.85
C TRP C 79 1.07 -5.08 11.49
N THR C 80 2.13 -4.48 10.97
CA THR C 80 2.12 -3.06 10.62
C THR C 80 1.09 -2.73 9.54
N GLY C 81 0.49 -3.76 8.97
CA GLY C 81 -0.49 -3.55 7.93
C GLY C 81 0.09 -2.91 6.68
N GLY C 82 1.40 -3.06 6.49
CA GLY C 82 2.06 -2.49 5.33
C GLY C 82 1.83 -3.28 4.06
N THR C 83 2.63 -3.00 3.04
CA THR C 83 2.51 -3.71 1.77
C THR C 83 3.85 -4.15 1.21
N THR C 84 4.87 -4.20 2.06
CA THR C 84 6.21 -4.61 1.62
C THR C 84 6.81 -5.75 2.46
N LEU C 85 6.60 -5.70 3.77
CA LEU C 85 7.13 -6.72 4.67
C LEU C 85 6.63 -8.11 4.26
N GLY C 86 5.31 -8.24 4.14
CA GLY C 86 4.73 -9.51 3.77
C GLY C 86 5.21 -9.94 2.39
N LYS C 87 5.27 -9.00 1.45
CA LYS C 87 5.74 -9.30 0.12
C LYS C 87 7.17 -9.79 0.08
N THR C 88 8.04 -9.24 0.95
CA THR C 88 9.43 -9.68 0.97
C THR C 88 9.46 -11.16 1.35
N ALA C 89 8.67 -11.51 2.37
CA ALA C 89 8.59 -12.88 2.84
C ALA C 89 7.96 -13.79 1.80
N LEU C 90 6.92 -13.28 1.14
CA LEU C 90 6.22 -14.08 0.11
C LEU C 90 7.17 -14.41 -1.04
N LEU C 91 7.95 -13.42 -1.47
CA LEU C 91 8.90 -13.62 -2.56
C LEU C 91 9.86 -14.75 -2.25
N VAL C 92 10.36 -14.78 -1.02
CA VAL C 92 11.28 -15.83 -0.62
C VAL C 92 10.61 -17.20 -0.61
N LEU C 93 9.41 -17.27 -0.05
CA LEU C 93 8.66 -18.52 0.03
C LEU C 93 8.25 -19.09 -1.32
N LEU C 94 7.73 -18.23 -2.20
CA LEU C 94 7.29 -18.69 -3.51
C LEU C 94 8.48 -19.11 -4.38
N SER C 95 9.56 -18.35 -4.28
CA SER C 95 10.76 -18.66 -5.06
C SER C 95 11.34 -20.01 -4.60
N ALA C 96 11.07 -20.39 -3.36
CA ALA C 96 11.57 -21.67 -2.81
C ALA C 96 10.64 -22.85 -3.13
N GLY C 97 9.56 -22.58 -3.87
CA GLY C 97 8.62 -23.62 -4.25
C GLY C 97 7.51 -23.86 -3.25
N PHE C 98 7.43 -22.99 -2.25
CA PHE C 98 6.41 -23.12 -1.23
C PHE C 98 5.11 -22.44 -1.61
N GLU C 99 4.00 -22.99 -1.14
CA GLU C 99 2.72 -22.38 -1.43
C GLU C 99 2.48 -21.41 -0.28
N ALA C 100 2.33 -20.13 -0.59
CA ALA C 100 2.13 -19.12 0.43
C ALA C 100 1.28 -17.95 -0.04
N TYR C 101 0.68 -17.26 0.93
CA TYR C 101 -0.16 -16.11 0.65
C TYR C 101 0.03 -15.11 1.80
N GLU C 102 -0.40 -13.88 1.58
CA GLU C 102 -0.31 -12.88 2.65
C GLU C 102 -1.72 -12.74 3.21
N LEU C 103 -1.82 -12.70 4.54
CA LEU C 103 -3.10 -12.56 5.21
C LEU C 103 -3.70 -11.19 4.91
N ALA C 104 -4.93 -11.19 4.40
CA ALA C 104 -5.61 -9.94 4.07
C ALA C 104 -6.57 -9.53 5.18
BR BR D . -12.92 -5.06 6.62
#